data_4XUD
#
_entry.id   4XUD
#
_cell.length_a   43.812
_cell.length_b   57.631
_cell.length_c   98.249
_cell.angle_alpha   90.000
_cell.angle_beta   90.000
_cell.angle_gamma   90.000
#
_symmetry.space_group_name_H-M   'P 21 21 21'
#
loop_
_entity.id
_entity.type
_entity.pdbx_description
1 polymer 'Catechol O-methyltransferase'
2 non-polymer '[1-(biphenyl-3-yl)-5-hydroxy-4-oxo-1,4-dihydropyridin-3-yl]boronic acid'
3 non-polymer 'MAGNESIUM ION'
4 non-polymer S-ADENOSYLMETHIONINE
5 non-polymer '2-(N-MORPHOLINO)-ETHANESULFONIC ACID'
6 water water
#
_entity_poly.entity_id   1
_entity_poly.type   'polypeptide(L)'
_entity_poly.pdbx_seq_one_letter_code
;NLLAGDTKEQRILNHVLQHAEPGNAQSVLEAIDTYCEQKEWAMNVGDKKGKIVDAVIQEHQPSVLLELGAYCGYSAVRMA
RLLSPGARLITIEINPDCAAITQRMVDFAGVKDKVTLVVGASQDIIPQLKKKYDVDTLDMVFLDHWKDRYLPDTLLLEEC
GLLRKGTVLLADNVICPGAPDFLAHVRGSSCFECTHYQSFLEYREVVDGLEKAIYKGP
;
_entity_poly.pdbx_strand_id   A
#
loop_
_chem_comp.id
_chem_comp.type
_chem_comp.name
_chem_comp.formula
43H non-polymer '[1-(biphenyl-3-yl)-5-hydroxy-4-oxo-1,4-dihydropyridin-3-yl]boronic acid' 'C17 H14 B N O4'
MES non-polymer '2-(N-MORPHOLINO)-ETHANESULFONIC ACID' 'C6 H13 N O4 S'
MG non-polymer 'MAGNESIUM ION' 'Mg 2'
SAM non-polymer S-ADENOSYLMETHIONINE 'C15 H22 N6 O5 S'
#
# COMPACT_ATOMS: atom_id res chain seq x y z
N ASN A 1 -20.50 3.54 14.23
CA ASN A 1 -20.20 4.17 15.54
C ASN A 1 -18.71 4.33 15.82
N LEU A 2 -18.39 5.24 16.73
CA LEU A 2 -17.02 5.66 17.00
C LEU A 2 -16.25 4.70 17.90
N LEU A 3 -14.93 4.74 17.75
CA LEU A 3 -14.04 4.02 18.66
C LEU A 3 -13.65 4.93 19.83
N ALA A 4 -13.09 4.37 20.90
CA ALA A 4 -12.79 5.12 22.14
C ALA A 4 -11.95 6.39 21.92
N GLY A 5 -11.03 6.34 20.97
CA GLY A 5 -10.10 7.46 20.72
C GLY A 5 -8.84 7.34 21.56
N ASP A 6 -8.57 6.12 22.05
CA ASP A 6 -7.42 5.83 22.92
C ASP A 6 -6.07 5.86 22.18
N THR A 7 -6.05 5.34 20.96
CA THR A 7 -4.88 5.38 20.08
C THR A 7 -5.04 6.44 18.99
N LYS A 8 -3.92 6.83 18.40
CA LYS A 8 -3.87 7.74 17.27
C LYS A 8 -4.70 7.20 16.12
N GLU A 9 -4.66 5.88 15.92
CA GLU A 9 -5.37 5.21 14.82
C GLU A 9 -6.88 5.27 14.98
N GLN A 10 -7.39 5.02 16.19
CA GLN A 10 -8.80 5.22 16.50
C GLN A 10 -9.25 6.66 16.30
N ARG A 11 -8.37 7.61 16.61
CA ARG A 11 -8.68 9.03 16.46
C ARG A 11 -8.73 9.46 14.99
N ILE A 12 -7.79 8.96 14.18
CA ILE A 12 -7.83 9.12 12.74
C ILE A 12 -9.14 8.54 12.15
N LEU A 13 -9.54 7.35 12.62
CA LEU A 13 -10.77 6.76 12.12
C LEU A 13 -12.01 7.57 12.55
N ASN A 14 -12.11 7.92 13.84
CA ASN A 14 -13.20 8.76 14.36
C ASN A 14 -13.31 10.06 13.58
N HIS A 15 -12.18 10.68 13.30
CA HIS A 15 -12.18 11.90 12.50
C HIS A 15 -12.86 11.66 11.16
N VAL A 16 -12.47 10.57 10.47
CA VAL A 16 -13.08 10.21 9.19
C VAL A 16 -14.61 9.98 9.29
N LEU A 17 -15.05 9.26 10.33
CA LEU A 17 -16.48 8.99 10.53
C LEU A 17 -17.30 10.28 10.79
N GLN A 18 -16.64 11.30 11.34
CA GLN A 18 -17.32 12.53 11.73
C GLN A 18 -17.20 13.64 10.69
N HIS A 19 -16.14 13.60 9.89
CA HIS A 19 -15.72 14.74 9.10
C HIS A 19 -15.52 14.46 7.62
N ALA A 20 -15.93 13.28 7.15
CA ALA A 20 -15.86 12.97 5.74
C ALA A 20 -17.20 12.40 5.24
N GLU A 21 -17.41 12.51 3.93
CA GLU A 21 -18.59 11.99 3.28
C GLU A 21 -18.54 10.46 3.13
N PRO A 22 -19.49 9.74 3.75
CA PRO A 22 -19.54 8.28 3.58
C PRO A 22 -19.63 7.91 2.09
N GLY A 23 -18.82 6.94 1.65
CA GLY A 23 -18.86 6.45 0.28
C GLY A 23 -18.08 7.30 -0.71
N ASN A 24 -17.49 8.37 -0.20
CA ASN A 24 -16.66 9.24 -1.02
C ASN A 24 -15.19 9.02 -0.65
N ALA A 25 -14.49 8.23 -1.46
CA ALA A 25 -13.06 7.94 -1.28
C ALA A 25 -12.14 9.17 -1.22
N GLN A 26 -12.34 10.14 -2.12
CA GLN A 26 -11.58 11.41 -2.11
C GLN A 26 -11.73 12.14 -0.79
N SER A 27 -12.97 12.35 -0.37
CA SER A 27 -13.29 13.00 0.90
C SER A 27 -12.59 12.31 2.08
N VAL A 28 -12.60 10.97 2.09
CA VAL A 28 -11.94 10.19 3.13
C VAL A 28 -10.44 10.48 3.20
N LEU A 29 -9.79 10.46 2.02
CA LEU A 29 -8.36 10.75 1.87
C LEU A 29 -7.99 12.16 2.34
N GLU A 30 -8.80 13.15 1.96
CA GLU A 30 -8.59 14.54 2.37
C GLU A 30 -8.66 14.73 3.88
N ALA A 31 -9.60 14.03 4.50
CA ALA A 31 -9.81 14.06 5.95
C ALA A 31 -8.63 13.48 6.73
N ILE A 32 -8.07 12.38 6.23
CA ILE A 32 -6.92 11.76 6.87
C ILE A 32 -5.68 12.65 6.68
N ASP A 33 -5.52 13.17 5.45
CA ASP A 33 -4.42 14.08 5.16
C ASP A 33 -4.46 15.36 5.98
N THR A 34 -5.66 15.92 6.14
CA THR A 34 -5.87 17.13 6.94
C THR A 34 -5.57 16.86 8.40
N TYR A 35 -6.13 15.78 8.93
CA TYR A 35 -5.91 15.43 10.34
C TYR A 35 -4.44 15.24 10.68
N CYS A 36 -3.71 14.52 9.83
CA CYS A 36 -2.30 14.24 10.06
C CYS A 36 -1.38 15.43 9.80
N GLU A 37 -1.79 16.35 8.94
CA GLU A 37 -1.05 17.60 8.73
C GLU A 37 -1.15 18.57 9.91
N GLN A 38 -2.26 18.50 10.64
CA GLN A 38 -2.62 19.53 11.62
C GLN A 38 -2.58 19.03 13.05
N LYS A 39 -2.97 17.77 13.24
CA LYS A 39 -3.21 17.22 14.58
C LYS A 39 -2.14 16.22 15.01
N GLU A 40 -2.02 15.11 14.27
CA GLU A 40 -1.09 14.03 14.62
C GLU A 40 -0.47 13.40 13.39
N TRP A 41 0.86 13.44 13.28
CA TRP A 41 1.57 12.76 12.20
C TRP A 41 1.21 11.28 12.20
N ALA A 42 1.12 10.70 11.01
CA ALA A 42 0.94 9.25 10.87
C ALA A 42 1.61 8.77 9.58
N MET A 43 1.96 7.48 9.54
CA MET A 43 2.79 6.95 8.44
C MET A 43 2.04 6.54 7.16
N ASN A 44 0.94 7.23 6.87
CA ASN A 44 0.24 7.04 5.59
C ASN A 44 1.19 7.49 4.49
N VAL A 45 1.03 6.96 3.27
CA VAL A 45 1.86 7.39 2.13
C VAL A 45 1.70 8.91 1.84
N GLY A 46 0.56 9.49 2.22
CA GLY A 46 0.31 10.93 2.09
C GLY A 46 -0.13 11.34 0.70
N ASP A 47 -0.41 12.63 0.52
CA ASP A 47 -0.95 13.13 -0.76
C ASP A 47 0.09 13.35 -1.86
N LYS A 48 1.29 13.80 -1.49
CA LYS A 48 2.32 14.04 -2.49
C LYS A 48 2.90 12.74 -3.09
N LYS A 49 3.22 11.78 -2.24
CA LYS A 49 3.65 10.47 -2.71
C LYS A 49 2.45 9.70 -3.26
N GLY A 50 1.27 9.95 -2.69
CA GLY A 50 0.01 9.38 -3.16
C GLY A 50 -0.27 9.65 -4.62
N LYS A 51 0.09 10.84 -5.09
CA LYS A 51 -0.03 11.19 -6.51
C LYS A 51 0.90 10.39 -7.41
N ILE A 52 2.09 10.06 -6.90
CA ILE A 52 2.99 9.17 -7.61
C ILE A 52 2.42 7.76 -7.72
N VAL A 53 1.85 7.27 -6.63
CA VAL A 53 1.17 5.97 -6.59
C VAL A 53 -0.04 5.96 -7.56
N ASP A 54 -0.82 7.04 -7.54
CA ASP A 54 -1.90 7.21 -8.52
C ASP A 54 -1.40 7.03 -9.97
N ALA A 55 -0.35 7.76 -10.35
CA ALA A 55 0.14 7.76 -11.75
C ALA A 55 0.66 6.41 -12.22
N VAL A 56 1.38 5.70 -11.35
CA VAL A 56 1.84 4.34 -11.62
C VAL A 56 0.68 3.40 -11.94
N ILE A 57 -0.37 3.45 -11.10
CA ILE A 57 -1.60 2.68 -11.31
C ILE A 57 -2.30 3.10 -12.59
N GLN A 58 -2.39 4.41 -12.83
CA GLN A 58 -3.03 4.91 -14.05
C GLN A 58 -2.27 4.54 -15.30
N GLU A 59 -0.94 4.53 -15.23
CA GLU A 59 -0.12 4.06 -16.36
C GLU A 59 -0.25 2.55 -16.60
N HIS A 60 -0.07 1.72 -15.58
CA HIS A 60 0.00 0.28 -15.81
C HIS A 60 -1.31 -0.48 -15.70
N GLN A 61 -2.32 0.19 -15.15
CA GLN A 61 -3.69 -0.32 -15.03
C GLN A 61 -3.83 -1.74 -14.47
N PRO A 62 -3.32 -1.95 -13.24
CA PRO A 62 -3.32 -3.31 -12.71
C PRO A 62 -4.72 -3.78 -12.38
N SER A 63 -4.95 -5.08 -12.48
CA SER A 63 -6.20 -5.72 -12.02
C SER A 63 -6.02 -6.49 -10.73
N VAL A 64 -4.83 -7.06 -10.53
CA VAL A 64 -4.49 -7.79 -9.34
C VAL A 64 -3.33 -7.05 -8.66
N LEU A 65 -3.64 -6.41 -7.53
CA LEU A 65 -2.67 -5.65 -6.76
C LEU A 65 -2.49 -6.28 -5.39
N LEU A 66 -1.25 -6.21 -4.90
CA LEU A 66 -0.91 -6.65 -3.56
C LEU A 66 -0.28 -5.47 -2.82
N GLU A 67 -0.78 -5.22 -1.61
CA GLU A 67 -0.22 -4.20 -0.74
C GLU A 67 0.29 -4.86 0.53
N LEU A 68 1.53 -4.54 0.89
CA LEU A 68 2.14 -5.06 2.09
C LEU A 68 2.23 -3.94 3.11
N GLY A 69 1.44 -4.05 4.17
CA GLY A 69 1.38 -3.05 5.22
C GLY A 69 0.21 -2.11 5.00
N ALA A 70 -0.90 -2.35 5.70
CA ALA A 70 -2.15 -1.59 5.54
C ALA A 70 -2.28 -0.39 6.49
N TYR A 71 -2.13 -0.62 7.79
CA TYR A 71 -2.17 0.42 8.82
C TYR A 71 -3.61 0.90 9.07
N CYS A 72 -3.97 2.11 8.63
CA CYS A 72 -5.34 2.59 8.76
C CYS A 72 -6.15 2.50 7.47
N GLY A 73 -5.51 2.08 6.38
CA GLY A 73 -6.22 1.83 5.13
C GLY A 73 -6.16 2.97 4.15
N TYR A 74 -5.30 3.96 4.43
CA TYR A 74 -5.16 5.13 3.57
C TYR A 74 -4.77 4.78 2.11
N SER A 75 -3.72 3.99 1.92
CA SER A 75 -3.29 3.66 0.55
C SER A 75 -4.21 2.62 -0.09
N ALA A 76 -4.83 1.78 0.72
CA ALA A 76 -5.85 0.86 0.22
C ALA A 76 -7.00 1.64 -0.41
N VAL A 77 -7.49 2.67 0.30
CA VAL A 77 -8.53 3.54 -0.24
C VAL A 77 -8.04 4.29 -1.48
N ARG A 78 -6.82 4.80 -1.39
CA ARG A 78 -6.25 5.55 -2.48
C ARG A 78 -6.13 4.71 -3.75
N MET A 79 -5.64 3.49 -3.61
CA MET A 79 -5.45 2.63 -4.77
C MET A 79 -6.76 2.04 -5.23
N ALA A 80 -7.62 1.62 -4.31
CA ALA A 80 -8.87 0.94 -4.68
C ALA A 80 -9.82 1.85 -5.42
N ARG A 81 -9.75 3.15 -5.14
CA ARG A 81 -10.63 4.17 -5.75
C ARG A 81 -10.40 4.32 -7.26
N LEU A 82 -9.24 3.87 -7.73
CA LEU A 82 -8.84 4.01 -9.13
C LEU A 82 -9.00 2.70 -9.92
N LEU A 83 -9.50 1.66 -9.27
CA LEU A 83 -9.53 0.35 -9.91
C LEU A 83 -10.77 0.16 -10.77
N SER A 84 -10.62 -0.59 -11.86
CA SER A 84 -11.74 -0.97 -12.74
C SER A 84 -12.72 -1.93 -12.06
N PRO A 85 -13.95 -2.01 -12.58
CA PRO A 85 -14.85 -3.09 -12.07
C PRO A 85 -14.20 -4.49 -12.26
N GLY A 86 -14.22 -5.31 -11.21
CA GLY A 86 -13.57 -6.62 -11.27
C GLY A 86 -12.09 -6.68 -10.87
N ALA A 87 -11.45 -5.53 -10.73
CA ALA A 87 -10.08 -5.45 -10.23
C ALA A 87 -10.09 -5.73 -8.72
N ARG A 88 -9.02 -6.38 -8.22
CA ARG A 88 -8.93 -6.75 -6.81
C ARG A 88 -7.66 -6.20 -6.15
N LEU A 89 -7.81 -5.61 -4.97
CA LEU A 89 -6.65 -5.32 -4.11
C LEU A 89 -6.56 -6.29 -2.93
N ILE A 90 -5.44 -6.97 -2.80
CA ILE A 90 -5.17 -7.76 -1.60
C ILE A 90 -4.22 -6.95 -0.71
N THR A 91 -4.62 -6.69 0.53
CA THR A 91 -3.78 -5.95 1.44
C THR A 91 -3.46 -6.79 2.70
N ILE A 92 -2.16 -6.89 3.02
CA ILE A 92 -1.68 -7.73 4.13
C ILE A 92 -1.21 -6.86 5.28
N GLU A 93 -1.79 -7.12 6.45
CA GLU A 93 -1.48 -6.36 7.66
C GLU A 93 -1.26 -7.29 8.84
N ILE A 94 -0.10 -7.20 9.49
CA ILE A 94 0.22 -8.06 10.63
C ILE A 94 -0.56 -7.75 11.93
N ASN A 95 -0.82 -6.46 12.16
CA ASN A 95 -1.45 -6.01 13.41
C ASN A 95 -2.98 -6.09 13.36
N PRO A 96 -3.59 -6.96 14.19
CA PRO A 96 -5.06 -7.19 14.11
C PRO A 96 -5.90 -5.93 14.37
N ASP A 97 -5.39 -5.03 15.21
CA ASP A 97 -6.05 -3.74 15.51
C ASP A 97 -6.05 -2.77 14.35
N CYS A 98 -4.93 -2.67 13.64
CA CYS A 98 -4.87 -1.89 12.41
C CYS A 98 -5.78 -2.46 11.32
N ALA A 99 -5.72 -3.78 11.16
CA ALA A 99 -6.55 -4.49 10.19
C ALA A 99 -8.05 -4.21 10.43
N ALA A 100 -8.45 -4.13 11.70
CA ALA A 100 -9.81 -3.77 12.10
C ALA A 100 -10.20 -2.36 11.64
N ILE A 101 -9.30 -1.39 11.89
CA ILE A 101 -9.45 0.01 11.46
C ILE A 101 -9.42 0.14 9.93
N THR A 102 -8.56 -0.65 9.28
CA THR A 102 -8.47 -0.64 7.83
C THR A 102 -9.77 -1.14 7.21
N GLN A 103 -10.33 -2.24 7.72
CA GLN A 103 -11.59 -2.73 7.17
C GLN A 103 -12.69 -1.65 7.28
N ARG A 104 -12.81 -1.02 8.46
CA ARG A 104 -13.77 0.04 8.66
C ARG A 104 -13.53 1.24 7.76
N MET A 105 -12.27 1.62 7.61
CA MET A 105 -11.90 2.70 6.69
C MET A 105 -12.33 2.41 5.26
N VAL A 106 -12.08 1.17 4.83
CA VAL A 106 -12.42 0.67 3.49
C VAL A 106 -13.95 0.58 3.29
N ASP A 107 -14.68 0.15 4.31
CA ASP A 107 -16.13 0.05 4.21
C ASP A 107 -16.70 1.45 4.01
N PHE A 108 -16.27 2.37 4.87
CA PHE A 108 -16.75 3.75 4.88
C PHE A 108 -16.46 4.48 3.58
N ALA A 109 -15.35 4.17 2.94
CA ALA A 109 -14.94 4.89 1.73
C ALA A 109 -15.67 4.37 0.46
N GLY A 110 -16.41 3.27 0.62
CA GLY A 110 -17.17 2.69 -0.49
C GLY A 110 -16.39 1.78 -1.42
N VAL A 111 -15.21 1.30 -0.98
CA VAL A 111 -14.35 0.45 -1.81
C VAL A 111 -14.27 -1.02 -1.32
N LYS A 112 -15.09 -1.33 -0.32
CA LYS A 112 -15.22 -2.66 0.27
C LYS A 112 -15.08 -3.82 -0.74
N ASP A 113 -15.83 -3.74 -1.83
CA ASP A 113 -15.86 -4.79 -2.86
C ASP A 113 -14.57 -5.03 -3.61
N LYS A 114 -13.65 -4.05 -3.58
CA LYS A 114 -12.37 -4.13 -4.26
C LYS A 114 -11.29 -4.80 -3.42
N VAL A 115 -11.50 -4.83 -2.10
CA VAL A 115 -10.43 -5.12 -1.14
C VAL A 115 -10.60 -6.48 -0.45
N THR A 116 -9.51 -7.25 -0.45
CA THR A 116 -9.36 -8.43 0.40
C THR A 116 -8.27 -8.13 1.42
N LEU A 117 -8.72 -7.90 2.66
CA LEU A 117 -7.82 -7.69 3.78
C LEU A 117 -7.46 -9.00 4.44
N VAL A 118 -6.16 -9.28 4.56
CA VAL A 118 -5.63 -10.51 5.18
C VAL A 118 -4.78 -10.16 6.39
N VAL A 119 -5.19 -10.66 7.55
CA VAL A 119 -4.50 -10.43 8.81
C VAL A 119 -3.40 -11.45 8.95
N GLY A 120 -2.16 -10.98 9.06
CA GLY A 120 -1.04 -11.90 9.16
C GLY A 120 0.25 -11.31 8.66
N ALA A 121 1.33 -12.05 8.86
CA ALA A 121 2.66 -11.64 8.42
C ALA A 121 2.81 -11.93 6.94
N SER A 122 3.37 -11.00 6.21
CA SER A 122 3.59 -11.14 4.78
C SER A 122 4.29 -12.46 4.41
N GLN A 123 5.29 -12.85 5.20
CA GLN A 123 6.05 -14.07 4.91
C GLN A 123 5.27 -15.37 5.08
N ASP A 124 4.25 -15.37 5.96
CA ASP A 124 3.31 -16.49 6.10
C ASP A 124 2.17 -16.51 5.07
N ILE A 125 1.73 -15.31 4.66
CA ILE A 125 0.60 -15.18 3.75
C ILE A 125 0.99 -15.29 2.28
N ILE A 126 2.12 -14.70 1.89
CA ILE A 126 2.61 -14.78 0.51
C ILE A 126 2.62 -16.20 -0.10
N PRO A 127 3.21 -17.20 0.61
CA PRO A 127 3.15 -18.59 0.08
C PRO A 127 1.74 -19.20 -0.06
N GLN A 128 0.71 -18.52 0.46
CA GLN A 128 -0.67 -19.01 0.47
C GLN A 128 -1.50 -18.34 -0.60
N LEU A 129 -0.98 -17.27 -1.20
CA LEU A 129 -1.74 -16.43 -2.12
C LEU A 129 -2.37 -17.18 -3.30
N LYS A 130 -1.66 -18.16 -3.85
CA LYS A 130 -2.17 -18.90 -5.01
C LYS A 130 -3.31 -19.88 -4.65
N LYS A 131 -3.06 -20.71 -3.63
CA LYS A 131 -3.98 -21.77 -3.22
C LYS A 131 -5.19 -21.27 -2.42
N LYS A 132 -4.96 -20.42 -1.42
CA LYS A 132 -6.04 -19.87 -0.57
C LYS A 132 -6.76 -18.64 -1.14
N TYR A 133 -6.06 -17.81 -1.91
CA TYR A 133 -6.59 -16.50 -2.31
C TYR A 133 -6.81 -16.38 -3.83
N ASP A 134 -6.66 -17.51 -4.52
CA ASP A 134 -6.98 -17.64 -5.93
C ASP A 134 -6.25 -16.65 -6.83
N VAL A 135 -4.96 -16.50 -6.58
CA VAL A 135 -4.09 -15.61 -7.35
C VAL A 135 -3.27 -16.45 -8.35
N ASP A 136 -3.20 -15.98 -9.58
CA ASP A 136 -2.28 -16.53 -10.55
C ASP A 136 -0.92 -15.81 -10.35
N THR A 137 -0.76 -14.66 -11.01
CA THR A 137 0.38 -13.78 -10.74
C THR A 137 -0.14 -12.39 -10.40
N LEU A 138 0.76 -11.49 -10.00
CA LEU A 138 0.40 -10.13 -9.64
C LEU A 138 0.73 -9.14 -10.73
N ASP A 139 -0.16 -8.19 -10.95
CA ASP A 139 0.11 -7.07 -11.84
C ASP A 139 0.97 -6.02 -11.14
N MET A 140 0.73 -5.84 -9.84
CA MET A 140 1.38 -4.81 -9.08
C MET A 140 1.47 -5.10 -7.58
N VAL A 141 2.61 -4.72 -7.00
CA VAL A 141 2.87 -4.82 -5.58
C VAL A 141 3.30 -3.46 -5.03
N PHE A 142 2.61 -3.01 -3.97
CA PHE A 142 3.00 -1.85 -3.20
C PHE A 142 3.63 -2.27 -1.87
N LEU A 143 4.93 -1.98 -1.74
CA LEU A 143 5.70 -2.33 -0.56
C LEU A 143 5.84 -1.12 0.37
N ASP A 144 5.24 -1.22 1.56
CA ASP A 144 5.20 -0.11 2.51
C ASP A 144 5.11 -0.61 3.97
N HIS A 145 5.69 -1.79 4.22
CA HIS A 145 5.74 -2.38 5.57
C HIS A 145 7.12 -2.11 6.24
N TRP A 146 7.59 -2.98 7.13
CA TRP A 146 8.94 -2.77 7.70
C TRP A 146 10.02 -2.81 6.60
N LYS A 147 10.91 -1.82 6.58
CA LYS A 147 11.78 -1.62 5.40
C LYS A 147 12.82 -2.71 5.24
N ASP A 148 13.17 -3.39 6.33
CA ASP A 148 14.11 -4.51 6.26
C ASP A 148 13.44 -5.77 5.71
N ARG A 149 12.13 -5.67 5.44
CA ARG A 149 11.39 -6.79 4.87
C ARG A 149 11.15 -6.64 3.37
N TYR A 150 11.51 -5.49 2.80
CA TYR A 150 11.33 -5.26 1.37
C TYR A 150 12.05 -6.31 0.51
N LEU A 151 13.30 -6.60 0.85
CA LEU A 151 14.07 -7.57 0.08
C LEU A 151 13.62 -9.03 0.29
N PRO A 152 13.60 -9.54 1.54
CA PRO A 152 13.10 -10.92 1.68
C PRO A 152 11.72 -11.23 1.07
N ASP A 153 10.80 -10.27 1.09
CA ASP A 153 9.46 -10.47 0.58
C ASP A 153 9.42 -10.42 -0.96
N THR A 154 10.24 -9.53 -1.53
CA THR A 154 10.46 -9.44 -2.98
C THR A 154 10.99 -10.77 -3.55
N LEU A 155 11.95 -11.37 -2.87
CA LEU A 155 12.51 -12.67 -3.24
C LEU A 155 11.50 -13.77 -3.05
N LEU A 156 10.79 -13.73 -1.92
CA LEU A 156 9.75 -14.69 -1.63
C LEU A 156 8.63 -14.67 -2.70
N LEU A 157 8.17 -13.47 -3.08
CA LEU A 157 7.21 -13.30 -4.16
C LEU A 157 7.70 -13.97 -5.45
N GLU A 158 9.00 -13.80 -5.73
CA GLU A 158 9.66 -14.44 -6.87
C GLU A 158 9.69 -15.97 -6.73
N GLU A 159 10.16 -16.45 -5.58
CA GLU A 159 10.23 -17.89 -5.29
C GLU A 159 8.87 -18.58 -5.35
N CYS A 160 7.80 -17.84 -5.08
CA CYS A 160 6.45 -18.44 -5.02
C CYS A 160 5.74 -18.39 -6.37
N GLY A 161 6.36 -17.76 -7.36
CA GLY A 161 5.86 -17.74 -8.72
C GLY A 161 4.79 -16.70 -8.93
N LEU A 162 4.79 -15.67 -8.11
CA LEU A 162 3.76 -14.64 -8.14
C LEU A 162 4.14 -13.46 -9.02
N LEU A 163 5.41 -13.40 -9.39
CA LEU A 163 5.88 -12.35 -10.27
C LEU A 163 5.92 -12.85 -11.71
N ARG A 164 5.56 -11.98 -12.64
CA ARG A 164 5.63 -12.31 -14.05
C ARG A 164 6.26 -11.15 -14.81
N LYS A 165 6.67 -11.41 -16.05
CA LYS A 165 7.09 -10.38 -16.99
C LYS A 165 6.08 -9.24 -16.99
N GLY A 166 6.51 -8.07 -16.52
CA GLY A 166 5.60 -6.94 -16.43
C GLY A 166 4.97 -6.60 -15.08
N THR A 167 5.16 -7.44 -14.07
CA THR A 167 4.74 -7.08 -12.71
C THR A 167 5.46 -5.81 -12.26
N VAL A 168 4.67 -4.86 -11.76
CA VAL A 168 5.20 -3.59 -11.26
C VAL A 168 5.34 -3.66 -9.74
N LEU A 169 6.57 -3.58 -9.24
CA LEU A 169 6.80 -3.36 -7.82
C LEU A 169 6.98 -1.86 -7.54
N LEU A 170 6.29 -1.34 -6.52
CA LEU A 170 6.46 0.04 -6.11
C LEU A 170 6.74 0.14 -4.60
N ALA A 171 7.89 0.69 -4.25
CA ALA A 171 8.36 0.71 -2.86
C ALA A 171 8.44 2.13 -2.32
N ASP A 172 7.74 2.37 -1.21
CA ASP A 172 7.80 3.65 -0.48
C ASP A 172 9.05 3.65 0.40
N ASN A 173 9.57 4.86 0.70
CA ASN A 173 10.63 5.07 1.71
C ASN A 173 11.99 4.46 1.37
N VAL A 174 12.41 4.63 0.13
CA VAL A 174 13.72 4.15 -0.30
C VAL A 174 14.80 5.23 -0.06
N ILE A 175 14.36 6.42 0.37
CA ILE A 175 15.28 7.44 0.87
C ILE A 175 15.14 7.62 2.38
N CYS A 176 13.90 7.72 2.87
CA CYS A 176 13.61 7.91 4.31
C CYS A 176 12.70 6.82 4.91
N PRO A 177 13.28 5.83 5.64
CA PRO A 177 14.69 5.73 6.10
C PRO A 177 15.62 5.08 5.07
N GLY A 178 15.05 4.43 4.06
CA GLY A 178 15.82 3.66 3.10
C GLY A 178 15.62 2.16 3.24
N ALA A 179 15.86 1.44 2.15
CA ALA A 179 15.90 -0.02 2.15
C ALA A 179 17.04 -0.41 1.20
N PRO A 180 18.31 -0.15 1.61
CA PRO A 180 19.44 -0.21 0.65
C PRO A 180 19.70 -1.59 0.04
N ASP A 181 19.42 -2.67 0.78
CA ASP A 181 19.60 -4.04 0.30
C ASP A 181 18.62 -4.41 -0.83
N PHE A 182 17.36 -4.03 -0.66
CA PHE A 182 16.34 -4.11 -1.71
C PHE A 182 16.72 -3.27 -2.93
N LEU A 183 17.13 -2.04 -2.67
CA LEU A 183 17.46 -1.09 -3.72
C LEU A 183 18.65 -1.56 -4.57
N ALA A 184 19.68 -2.11 -3.93
CA ALA A 184 20.82 -2.70 -4.65
C ALA A 184 20.39 -3.91 -5.49
N HIS A 185 19.49 -4.72 -4.96
CA HIS A 185 19.01 -5.90 -5.66
C HIS A 185 18.24 -5.57 -6.94
N VAL A 186 17.20 -4.75 -6.85
CA VAL A 186 16.42 -4.41 -8.03
C VAL A 186 17.26 -3.62 -9.04
N ARG A 187 18.07 -2.68 -8.57
CA ARG A 187 18.89 -1.87 -9.47
C ARG A 187 20.01 -2.68 -10.09
N GLY A 188 20.55 -3.64 -9.34
CA GLY A 188 21.67 -4.45 -9.79
C GLY A 188 21.29 -5.63 -10.67
N SER A 189 20.03 -6.08 -10.56
CA SER A 189 19.52 -7.24 -11.28
C SER A 189 18.99 -6.89 -12.69
N SER A 190 19.33 -7.75 -13.64
CA SER A 190 18.80 -7.64 -15.01
C SER A 190 17.33 -8.07 -15.08
N CYS A 191 16.83 -8.67 -14.01
CA CYS A 191 15.42 -9.07 -13.87
C CYS A 191 14.45 -7.91 -13.59
N PHE A 192 14.98 -6.74 -13.24
CA PHE A 192 14.15 -5.58 -12.93
C PHE A 192 14.62 -4.36 -13.71
N GLU A 193 13.67 -3.55 -14.18
CA GLU A 193 13.97 -2.25 -14.77
C GLU A 193 13.40 -1.18 -13.85
N CYS A 194 14.29 -0.33 -13.31
CA CYS A 194 13.95 0.58 -12.21
C CYS A 194 13.80 2.05 -12.61
N THR A 195 12.87 2.73 -11.94
CA THR A 195 12.64 4.16 -12.06
C THR A 195 12.60 4.71 -10.64
N HIS A 196 13.25 5.85 -10.42
CA HIS A 196 13.25 6.47 -9.12
C HIS A 196 12.39 7.72 -9.13
N TYR A 197 11.55 7.87 -8.11
CA TYR A 197 10.74 9.08 -7.97
C TYR A 197 11.09 9.80 -6.69
N GLN A 198 11.75 10.94 -6.82
CA GLN A 198 11.99 11.77 -5.65
C GLN A 198 10.73 12.55 -5.29
N SER A 199 10.44 12.63 -4.00
CA SER A 199 9.26 13.31 -3.47
C SER A 199 9.55 13.77 -2.05
N PHE A 200 8.53 13.85 -1.21
CA PHE A 200 8.71 14.24 0.19
C PHE A 200 8.07 13.28 1.17
N LEU A 201 8.66 13.17 2.36
CA LEU A 201 8.05 12.38 3.41
C LEU A 201 6.64 12.94 3.72
N GLU A 202 5.71 12.06 4.06
CA GLU A 202 4.33 12.47 4.26
C GLU A 202 4.23 13.53 5.39
N TYR A 203 3.54 14.63 5.07
CA TYR A 203 3.21 15.70 6.03
C TYR A 203 4.44 16.46 6.52
N ARG A 204 5.57 16.26 5.84
CA ARG A 204 6.84 16.84 6.23
C ARG A 204 7.56 17.36 5.01
N GLU A 205 8.64 18.12 5.23
CA GLU A 205 9.48 18.64 4.13
C GLU A 205 10.79 17.88 3.97
N VAL A 206 10.89 16.77 4.70
CA VAL A 206 11.98 15.81 4.57
C VAL A 206 11.89 15.19 3.18
N VAL A 207 13.04 15.08 2.52
CA VAL A 207 13.12 14.39 1.23
C VAL A 207 12.91 12.87 1.42
N ASP A 208 12.10 12.28 0.55
CA ASP A 208 11.86 10.84 0.53
C ASP A 208 11.73 10.45 -0.94
N GLY A 209 11.46 9.17 -1.20
CA GLY A 209 11.39 8.68 -2.57
C GLY A 209 10.72 7.34 -2.67
N LEU A 210 10.21 7.05 -3.87
CA LEU A 210 9.69 5.73 -4.20
C LEU A 210 10.55 5.14 -5.30
N GLU A 211 10.63 3.81 -5.36
CA GLU A 211 11.28 3.14 -6.46
C GLU A 211 10.27 2.25 -7.20
N LYS A 212 10.17 2.44 -8.51
CA LYS A 212 9.40 1.50 -9.35
C LYS A 212 10.34 0.51 -10.04
N ALA A 213 10.08 -0.78 -9.86
CA ALA A 213 10.86 -1.85 -10.50
C ALA A 213 9.92 -2.80 -11.26
N ILE A 214 10.00 -2.79 -12.59
CA ILE A 214 9.22 -3.69 -13.43
C ILE A 214 10.01 -4.98 -13.61
N TYR A 215 9.35 -6.11 -13.32
CA TYR A 215 9.92 -7.44 -13.49
C TYR A 215 10.03 -7.83 -14.97
N LYS A 216 11.20 -8.33 -15.35
CA LYS A 216 11.48 -8.71 -16.74
C LYS A 216 11.11 -10.17 -17.04
N GLY A 217 10.94 -10.97 -15.99
CA GLY A 217 10.92 -12.44 -16.10
C GLY A 217 12.18 -12.97 -15.44
N PRO A 218 12.22 -14.26 -15.07
CA PRO A 218 13.41 -14.80 -14.34
C PRO A 218 14.68 -14.85 -15.18
C1 43H B . 8.06 6.58 7.08
C2 43H B . 8.53 4.82 8.52
C3 43H B . 7.64 3.96 7.85
C4 43H B . 6.94 4.46 6.76
C6 43H B . 9.61 6.91 8.78
C8 43H B . 11.83 7.23 9.74
C9 43H B . 11.51 8.56 10.08
C19 43H B . 10.88 11.47 9.95
C 43H B . 7.16 5.79 6.38
N 43H B . 8.74 6.10 8.14
O 43H B . 6.06 3.81 6.00
O5 43H B . 6.49 6.24 5.32
C7 43H B . 10.90 6.43 9.10
C10 43H B . 10.24 9.06 9.75
C11 43H B . 9.31 8.24 9.10
B 43H B . 7.44 2.52 8.26
O12 43H B . 6.49 1.56 7.60
O13 43H B . 8.25 1.87 9.36
C14 43H B . 9.91 10.48 10.10
C15 43H B . 8.65 10.81 10.57
C16 43H B . 8.33 12.14 10.91
C17 43H B . 9.31 13.12 10.77
C18 43H B . 10.58 12.80 10.29
MG MG C . 5.70 4.63 4.05
N SAM D . 0.62 1.57 3.17
CA SAM D . -0.07 2.25 4.30
C SAM D . -0.65 3.62 3.92
O SAM D . -0.08 4.38 3.14
OXT SAM D . -1.72 3.98 4.41
CB SAM D . 0.87 2.45 5.47
CG SAM D . 1.42 1.18 6.12
SD SAM D . 2.43 1.64 7.53
CE SAM D . 3.72 2.61 6.72
C5' SAM D . 3.39 0.12 8.00
C4' SAM D . 2.51 -1.08 8.36
O4' SAM D . 3.09 -2.31 7.96
C3' SAM D . 2.22 -1.24 9.84
O3' SAM D . 0.81 -1.29 9.95
C2' SAM D . 2.79 -2.59 10.22
O2' SAM D . 2.02 -3.22 11.20
C1' SAM D . 2.72 -3.32 8.89
N9 SAM D . 3.66 -4.43 8.76
C8 SAM D . 4.98 -4.43 9.12
N7 SAM D . 5.52 -5.63 8.82
C5 SAM D . 4.57 -6.40 8.24
C6 SAM D . 4.59 -7.70 7.73
N6 SAM D . 5.71 -8.45 7.77
N1 SAM D . 3.45 -8.22 7.18
C2 SAM D . 2.30 -7.47 7.13
N3 SAM D . 2.28 -6.19 7.65
C4 SAM D . 3.39 -5.66 8.19
O1 MES E . 6.13 12.25 15.71
C2 MES E . 6.48 12.00 14.35
C3 MES E . 7.65 11.01 14.30
N4 MES E . 8.83 11.45 15.10
C5 MES E . 8.49 12.17 16.38
C6 MES E . 7.21 13.01 16.30
C7 MES E . 9.84 12.22 14.31
C8 MES E . 10.87 11.27 13.67
S MES E . 12.44 11.96 13.59
O1S MES E . 12.72 12.78 12.12
O2S MES E . 12.66 13.10 14.83
O3S MES E . 13.60 10.71 13.66
#